data_1FX2
#
_entry.id   1FX2
#
_cell.length_a   49.600
_cell.length_b   60.070
_cell.length_c   78.880
_cell.angle_alpha   90.00
_cell.angle_beta   90.00
_cell.angle_gamma   90.00
#
_symmetry.space_group_name_H-M   'P 21 21 21'
#
loop_
_entity.id
_entity.type
_entity.pdbx_description
1 polymer 'RECEPTOR-TYPE ADENYLATE CYCLASE GRESAG 4.1'
2 non-polymer 'SULFATE ION'
3 non-polymer 2,3-DIHYDROXY-1,4-DITHIOBUTANE
4 water water
#
_entity_poly.entity_id   1
_entity_poly.type   'polypeptide(L)'
_entity_poly.pdbx_seq_one_letter_code
;NNNRAPKEPTDPVTLIFTDIESSTALWAAHPDLMPDAVAAHHRMVRSLIGRYKCYEVKTVGDSFMIASKSPFAAVQLAQE
LQLCFLHHDWGTNALDDSYREFEEQRAEGECEYTPPTAHMDPEVYSRLWNGLRVRVGIHTGLCDIRHDEVTKGYDYYGRT
PNMAARTESVANGGQVLMTHAAYMSLSAEDRKQIDVTALGDVALRGVSDPVKMYQLNTVPSRNFAALRLDREYFD
;
_entity_poly.pdbx_strand_id   A
#
# COMPACT_ATOMS: atom_id res chain seq x y z
N ASN A 1 9.45 20.81 0.44
CA ASN A 1 9.87 20.53 1.84
C ASN A 1 10.85 19.35 1.96
N ASN A 2 12.08 19.60 1.49
CA ASN A 2 13.13 18.57 1.59
C ASN A 2 13.50 18.37 3.06
N ASN A 3 13.00 19.22 3.94
CA ASN A 3 13.26 19.09 5.35
C ASN A 3 12.81 17.72 5.92
N ARG A 4 11.75 17.16 5.35
CA ARG A 4 11.21 15.88 5.83
C ARG A 4 11.87 14.69 5.19
N ALA A 5 12.71 14.90 4.17
CA ALA A 5 13.42 13.80 3.53
C ALA A 5 14.47 13.18 4.40
N PRO A 6 14.44 11.84 4.57
CA PRO A 6 15.49 11.15 5.37
C PRO A 6 16.81 11.44 4.60
N LYS A 7 17.83 11.99 5.32
CA LYS A 7 19.11 12.32 4.66
C LYS A 7 20.34 11.73 5.27
N GLU A 8 20.21 11.18 6.47
CA GLU A 8 21.41 10.66 7.18
C GLU A 8 21.61 9.21 6.77
N PRO A 9 22.72 8.84 6.10
CA PRO A 9 22.93 7.47 5.65
C PRO A 9 22.92 6.39 6.71
N THR A 10 23.31 6.78 7.94
CA THR A 10 23.38 5.75 8.99
C THR A 10 22.09 5.54 9.73
N ASP A 11 21.05 6.31 9.34
CA ASP A 11 19.73 6.14 9.97
C ASP A 11 18.85 5.36 8.97
N PRO A 12 18.26 4.25 9.43
CA PRO A 12 17.38 3.48 8.51
C PRO A 12 16.22 4.38 8.03
N VAL A 13 15.82 4.12 6.79
CA VAL A 13 14.75 4.85 6.12
C VAL A 13 13.57 3.88 6.05
N THR A 14 12.38 4.41 6.33
CA THR A 14 11.15 3.60 6.15
C THR A 14 10.54 4.02 4.82
N LEU A 15 10.40 3.05 3.89
CA LEU A 15 9.78 3.35 2.58
C LEU A 15 8.42 2.70 2.48
N ILE A 16 7.51 3.47 1.87
CA ILE A 16 6.13 3.00 1.65
C ILE A 16 5.90 3.10 0.15
N PHE A 17 5.46 2.01 -0.47
CA PHE A 17 5.02 2.01 -1.87
C PHE A 17 3.56 1.70 -1.89
N THR A 18 2.84 2.37 -2.81
CA THR A 18 1.40 2.17 -2.94
C THR A 18 1.06 2.03 -4.42
N ASP A 19 -0.05 1.32 -4.66
CA ASP A 19 -0.62 1.21 -6.02
C ASP A 19 -2.06 0.96 -5.95
N ILE A 20 -2.80 1.47 -6.94
CA ILE A 20 -4.21 1.10 -7.05
C ILE A 20 -4.26 -0.32 -7.67
N GLU A 21 -4.87 -1.31 -7.02
N GLU A 21 -5.04 -1.23 -7.08
CA GLU A 21 -4.96 -2.66 -7.62
CA GLU A 21 -5.23 -2.61 -7.60
C GLU A 21 -5.91 -2.56 -8.83
C GLU A 21 -6.02 -2.55 -8.90
N SER A 22 -5.53 -3.30 -9.89
CA SER A 22 -6.26 -3.43 -11.16
C SER A 22 -6.46 -2.11 -11.91
N SER A 23 -5.46 -1.23 -11.81
CA SER A 23 -5.56 0.08 -12.43
C SER A 23 -5.78 -0.03 -13.98
N THR A 24 -5.13 -0.94 -14.72
CA THR A 24 -5.36 -1.11 -16.13
C THR A 24 -6.79 -1.40 -16.40
N ALA A 25 -7.34 -2.40 -15.70
CA ALA A 25 -8.69 -2.76 -15.98
C ALA A 25 -9.71 -1.76 -15.62
N LEU A 26 -9.45 -1.04 -14.53
CA LEU A 26 -10.35 0.03 -14.16
C LEU A 26 -10.36 1.22 -15.16
N TRP A 27 -9.18 1.61 -15.64
CA TRP A 27 -9.12 2.70 -16.66
C TRP A 27 -9.82 2.18 -17.91
N ALA A 28 -9.72 0.89 -18.24
CA ALA A 28 -10.41 0.43 -19.49
C ALA A 28 -11.88 0.47 -19.34
N ALA A 29 -12.41 0.08 -18.18
CA ALA A 29 -13.84 0.07 -17.94
C ALA A 29 -14.47 1.39 -17.60
N HIS A 30 -13.71 2.29 -16.98
CA HIS A 30 -14.25 3.54 -16.46
C HIS A 30 -13.36 4.72 -16.82
N PRO A 31 -13.18 4.94 -18.13
CA PRO A 31 -12.30 6.08 -18.53
C PRO A 31 -12.85 7.47 -18.19
N ASP A 32 -14.14 7.60 -17.97
CA ASP A 32 -14.74 8.86 -17.60
C ASP A 32 -14.81 9.06 -16.06
N LEU A 33 -14.43 8.06 -15.30
CA LEU A 33 -14.45 8.19 -13.82
C LEU A 33 -13.02 8.19 -13.28
N MET A 34 -12.10 7.49 -13.93
CA MET A 34 -10.77 7.36 -13.34
C MET A 34 -9.97 8.68 -13.17
N PRO A 35 -10.02 9.59 -14.14
CA PRO A 35 -9.26 10.81 -13.87
C PRO A 35 -9.61 11.50 -12.57
N ASP A 36 -10.92 11.63 -12.30
CA ASP A 36 -11.30 12.29 -11.07
C ASP A 36 -11.03 11.38 -9.83
N ALA A 37 -11.19 10.05 -10.02
CA ALA A 37 -10.97 9.21 -8.84
C ALA A 37 -9.52 9.20 -8.48
N VAL A 38 -8.64 9.13 -9.49
CA VAL A 38 -7.23 9.07 -9.18
C VAL A 38 -6.77 10.43 -8.65
N ALA A 39 -7.27 11.54 -9.22
CA ALA A 39 -6.91 12.82 -8.66
C ALA A 39 -7.32 12.93 -7.19
N ALA A 40 -8.47 12.35 -6.81
CA ALA A 40 -8.87 12.41 -5.39
C ALA A 40 -7.91 11.56 -4.55
N HIS A 41 -7.56 10.40 -5.12
CA HIS A 41 -6.56 9.50 -4.46
C HIS A 41 -5.30 10.30 -4.16
N HIS A 42 -4.78 10.99 -5.16
CA HIS A 42 -3.53 11.76 -4.90
C HIS A 42 -3.72 12.84 -3.86
N ARG A 43 -4.86 13.54 -3.90
CA ARG A 43 -5.05 14.56 -2.88
C ARG A 43 -5.07 13.97 -1.48
N MET A 44 -5.77 12.81 -1.30
CA MET A 44 -5.82 12.18 0.03
C MET A 44 -4.43 11.68 0.45
N VAL A 45 -3.72 11.00 -0.46
CA VAL A 45 -2.36 10.50 -0.07
C VAL A 45 -1.47 11.71 0.30
N ARG A 46 -1.51 12.78 -0.49
CA ARG A 46 -0.64 13.91 -0.21
C ARG A 46 -1.02 14.61 1.04
N SER A 47 -2.30 14.66 1.39
CA SER A 47 -2.70 15.24 2.65
C SER A 47 -2.09 14.45 3.80
N LEU A 48 -2.10 13.12 3.69
CA LEU A 48 -1.50 12.28 4.71
C LEU A 48 0.02 12.41 4.78
N ILE A 49 0.68 12.51 3.61
CA ILE A 49 2.14 12.67 3.61
C ILE A 49 2.48 13.93 4.44
N GLY A 50 1.70 14.97 4.28
CA GLY A 50 1.98 16.18 5.08
C GLY A 50 1.62 16.02 6.54
N ARG A 51 0.49 15.39 6.86
CA ARG A 51 0.04 15.19 8.21
C ARG A 51 1.08 14.41 9.05
N TYR A 52 1.62 13.37 8.43
CA TYR A 52 2.58 12.49 9.10
C TYR A 52 4.04 12.88 8.87
N LYS A 53 4.29 14.07 8.27
CA LYS A 53 5.66 14.61 8.10
C LYS A 53 6.59 13.70 7.35
N CYS A 54 5.98 12.96 6.39
CA CYS A 54 6.76 12.09 5.50
C CYS A 54 7.19 12.86 4.26
N TYR A 55 7.81 12.18 3.30
CA TYR A 55 8.36 12.85 2.14
C TYR A 55 7.98 12.10 0.89
N GLU A 56 7.36 12.80 -0.05
CA GLU A 56 7.04 12.15 -1.31
C GLU A 56 8.29 12.06 -2.13
N VAL A 57 8.75 10.84 -2.47
CA VAL A 57 9.97 10.70 -3.28
C VAL A 57 9.58 10.90 -4.72
N LYS A 58 8.59 10.10 -5.20
CA LYS A 58 8.10 10.25 -6.55
C LYS A 58 6.78 9.54 -6.76
N THR A 59 6.08 9.92 -7.81
CA THR A 59 4.88 9.24 -8.15
C THR A 59 5.00 8.93 -9.59
N VAL A 60 4.56 7.73 -10.01
CA VAL A 60 4.55 7.30 -11.42
C VAL A 60 3.13 6.77 -11.61
N GLY A 61 2.27 7.42 -12.42
CA GLY A 61 0.89 6.92 -12.55
C GLY A 61 0.23 7.06 -11.21
N ASP A 62 -0.38 5.96 -10.74
CA ASP A 62 -0.95 6.07 -9.42
C ASP A 62 -0.01 5.45 -8.39
N SER A 63 1.19 5.10 -8.74
CA SER A 63 2.10 4.49 -7.77
C SER A 63 2.84 5.57 -6.98
N PHE A 64 2.75 5.54 -5.67
CA PHE A 64 3.52 6.47 -4.80
C PHE A 64 4.73 5.75 -4.21
N MET A 65 5.82 6.52 -4.07
CA MET A 65 7.01 6.07 -3.28
C MET A 65 7.16 7.17 -2.26
N ILE A 66 7.08 6.79 -0.99
CA ILE A 66 7.09 7.77 0.15
C ILE A 66 8.18 7.34 1.16
N ALA A 67 8.96 8.33 1.65
CA ALA A 67 10.00 8.00 2.65
C ALA A 67 9.66 8.64 3.98
N SER A 68 10.08 8.02 5.07
CA SER A 68 9.79 8.60 6.39
C SER A 68 11.01 8.40 7.32
N LYS A 69 11.34 9.45 8.07
CA LYS A 69 12.41 9.32 9.12
C LYS A 69 11.91 8.51 10.30
N SER A 70 10.61 8.26 10.39
CA SER A 70 10.00 7.56 11.52
C SER A 70 9.25 6.32 11.04
N PRO A 71 9.53 5.17 11.56
CA PRO A 71 8.80 3.97 11.14
C PRO A 71 7.34 4.08 11.57
N PHE A 72 7.03 4.60 12.77
CA PHE A 72 5.62 4.64 13.24
C PHE A 72 4.83 5.65 12.39
N ALA A 73 5.44 6.74 11.95
CA ALA A 73 4.68 7.66 11.14
C ALA A 73 4.29 7.01 9.85
N ALA A 74 5.16 6.19 9.27
CA ALA A 74 4.84 5.54 8.02
C ALA A 74 3.68 4.55 8.23
N VAL A 75 3.69 3.79 9.33
CA VAL A 75 2.65 2.87 9.63
C VAL A 75 1.35 3.65 9.87
N GLN A 76 1.40 4.77 10.59
CA GLN A 76 0.17 5.55 10.76
C GLN A 76 -0.35 6.08 9.47
N LEU A 77 0.52 6.51 8.57
CA LEU A 77 0.06 7.03 7.24
C LEU A 77 -0.68 5.86 6.52
N ALA A 78 -0.11 4.68 6.49
CA ALA A 78 -0.73 3.56 5.73
C ALA A 78 -2.06 3.18 6.33
N GLN A 79 -2.17 3.17 7.65
CA GLN A 79 -3.44 2.89 8.27
C GLN A 79 -4.46 3.98 7.88
N GLU A 80 -4.07 5.26 7.95
N GLU A 80 -4.06 5.22 8.04
CA GLU A 80 -5.02 6.35 7.60
CA GLU A 80 -5.01 6.26 7.73
C GLU A 80 -5.37 6.43 6.14
C GLU A 80 -5.40 6.28 6.27
N LEU A 81 -4.50 5.88 5.34
CA LEU A 81 -4.75 5.88 3.90
C LEU A 81 -5.92 4.86 3.74
N GLN A 82 -5.85 3.67 4.30
CA GLN A 82 -6.94 2.72 4.11
C GLN A 82 -8.26 3.25 4.66
N LEU A 83 -8.21 3.87 5.86
CA LEU A 83 -9.41 4.41 6.49
C LEU A 83 -9.99 5.62 5.72
N CYS A 84 -9.22 6.62 5.33
N CYS A 84 -9.12 6.55 5.36
CA CYS A 84 -9.89 7.70 4.62
CA CYS A 84 -9.53 7.71 4.62
C CYS A 84 -10.35 7.31 3.23
C CYS A 84 -10.24 7.31 3.36
N PHE A 85 -9.66 6.38 2.59
CA PHE A 85 -10.22 5.94 1.32
C PHE A 85 -11.56 5.24 1.54
N LEU A 86 -11.71 4.46 2.61
CA LEU A 86 -12.98 3.78 2.89
C LEU A 86 -14.07 4.83 3.18
N HIS A 87 -13.66 5.91 3.85
CA HIS A 87 -14.64 6.94 4.23
C HIS A 87 -15.02 7.91 3.14
N HIS A 88 -14.16 8.01 2.14
CA HIS A 88 -14.39 8.94 1.03
C HIS A 88 -15.63 8.62 0.19
N ASP A 89 -16.34 9.66 -0.24
CA ASP A 89 -17.50 9.47 -1.13
C ASP A 89 -16.95 9.57 -2.56
N TRP A 90 -16.89 8.43 -3.19
CA TRP A 90 -16.37 8.32 -4.57
C TRP A 90 -17.41 8.70 -5.62
N GLY A 91 -18.65 8.87 -5.18
CA GLY A 91 -19.70 9.34 -6.11
C GLY A 91 -20.11 8.32 -7.14
N THR A 92 -19.77 7.05 -6.93
CA THR A 92 -20.10 5.99 -7.84
C THR A 92 -19.97 4.64 -7.14
N ASN A 93 -20.74 3.64 -7.58
CA ASN A 93 -20.55 2.24 -7.08
C ASN A 93 -19.87 1.47 -8.17
N ALA A 94 -19.51 2.13 -9.29
CA ALA A 94 -18.97 1.36 -10.42
C ALA A 94 -17.62 0.67 -10.16
N LEU A 95 -16.79 1.33 -9.41
CA LEU A 95 -15.49 0.75 -9.09
C LEU A 95 -15.63 -0.48 -8.16
N ASP A 96 -16.55 -0.40 -7.18
CA ASP A 96 -16.82 -1.55 -6.30
C ASP A 96 -17.45 -2.69 -7.11
N ASP A 97 -18.37 -2.34 -8.02
CA ASP A 97 -18.93 -3.42 -8.87
C ASP A 97 -17.87 -4.08 -9.69
N SER A 98 -16.91 -3.31 -10.25
CA SER A 98 -15.83 -3.95 -11.02
C SER A 98 -14.96 -4.87 -10.14
N TYR A 99 -14.56 -4.44 -8.95
CA TYR A 99 -13.74 -5.33 -8.15
C TYR A 99 -14.48 -6.59 -7.80
N ARG A 100 -15.75 -6.49 -7.44
CA ARG A 100 -16.52 -7.68 -7.13
C ARG A 100 -16.63 -8.64 -8.33
N GLU A 101 -16.89 -8.08 -9.52
CA GLU A 101 -16.96 -8.95 -10.71
C GLU A 101 -15.63 -9.62 -10.93
N PHE A 102 -14.53 -8.89 -10.79
CA PHE A 102 -13.22 -9.49 -10.98
C PHE A 102 -13.06 -10.69 -10.03
N GLU A 103 -13.49 -10.54 -8.75
CA GLU A 103 -13.32 -11.69 -7.85
C GLU A 103 -14.11 -12.91 -8.28
N GLU A 104 -15.34 -12.66 -8.70
CA GLU A 104 -16.21 -13.76 -9.14
C GLU A 104 -15.57 -14.48 -10.34
N GLN A 105 -15.03 -13.71 -11.30
CA GLN A 105 -14.39 -14.42 -12.40
C GLN A 105 -13.10 -15.14 -12.01
N ARG A 106 -12.33 -14.54 -11.12
CA ARG A 106 -11.10 -15.12 -10.70
C ARG A 106 -11.35 -16.47 -10.01
N ALA A 107 -12.54 -16.67 -9.41
CA ALA A 107 -12.89 -17.90 -8.72
C ALA A 107 -13.08 -19.06 -9.74
N GLU A 108 -13.13 -18.76 -11.04
CA GLU A 108 -13.24 -19.82 -12.11
C GLU A 108 -11.85 -20.49 -12.35
N GLY A 109 -10.81 -19.66 -12.44
CA GLY A 109 -9.42 -20.09 -12.68
C GLY A 109 -8.53 -20.43 -11.50
N GLU A 110 -8.94 -20.04 -10.30
CA GLU A 110 -8.21 -20.38 -9.07
C GLU A 110 -9.32 -21.15 -8.34
N CYS A 111 -9.09 -22.45 -8.14
CA CYS A 111 -10.05 -23.33 -7.46
C CYS A 111 -9.78 -23.31 -5.94
N GLU A 112 -8.65 -22.71 -5.57
CA GLU A 112 -8.24 -22.52 -4.17
C GLU A 112 -8.71 -21.12 -3.73
N TYR A 113 -9.22 -20.35 -4.69
CA TYR A 113 -9.70 -18.97 -4.47
C TYR A 113 -11.19 -18.84 -4.23
N THR A 114 -11.58 -18.11 -3.18
CA THR A 114 -12.99 -17.86 -2.90
C THR A 114 -13.12 -16.31 -2.89
N PRO A 115 -14.13 -15.70 -3.54
CA PRO A 115 -14.20 -14.24 -3.51
C PRO A 115 -14.26 -13.75 -2.07
N PRO A 116 -13.35 -12.82 -1.67
CA PRO A 116 -13.44 -12.34 -0.29
C PRO A 116 -14.60 -11.35 -0.12
N THR A 117 -14.98 -10.58 -1.13
CA THR A 117 -15.98 -9.55 -0.93
C THR A 117 -17.20 -9.57 -1.83
N ALA A 118 -17.11 -10.33 -2.94
CA ALA A 118 -18.18 -10.22 -3.92
C ALA A 118 -19.51 -10.67 -3.45
N HIS A 119 -19.53 -11.52 -2.45
CA HIS A 119 -20.86 -12.03 -2.06
C HIS A 119 -21.30 -11.49 -0.70
N MET A 120 -20.60 -10.48 -0.19
CA MET A 120 -21.04 -9.86 1.05
C MET A 120 -22.35 -9.06 0.89
N ASP A 121 -23.28 -9.26 1.85
CA ASP A 121 -24.48 -8.41 1.89
C ASP A 121 -24.03 -6.95 1.86
N PRO A 122 -24.75 -6.08 1.19
CA PRO A 122 -24.34 -4.67 1.09
C PRO A 122 -24.11 -4.00 2.40
N GLU A 123 -24.81 -4.40 3.48
CA GLU A 123 -24.57 -3.71 4.77
C GLU A 123 -23.20 -4.13 5.32
N VAL A 124 -22.79 -5.37 5.12
CA VAL A 124 -21.48 -5.84 5.56
C VAL A 124 -20.45 -5.21 4.65
N TYR A 125 -20.63 -5.33 3.33
CA TYR A 125 -19.61 -4.81 2.40
C TYR A 125 -19.32 -3.34 2.62
N SER A 126 -20.32 -2.47 2.73
N SER A 126 -20.37 -2.56 2.90
CA SER A 126 -20.03 -1.04 2.85
CA SER A 126 -20.23 -1.12 3.01
C SER A 126 -19.27 -0.65 4.10
C SER A 126 -19.55 -0.58 4.21
N ARG A 127 -19.31 -1.47 5.16
CA ARG A 127 -18.55 -1.09 6.36
C ARG A 127 -17.13 -1.46 6.20
N LEU A 128 -16.80 -2.24 5.12
CA LEU A 128 -15.44 -2.76 4.96
C LEU A 128 -14.75 -2.31 3.68
N TRP A 129 -15.51 -1.97 2.64
CA TRP A 129 -14.92 -1.73 1.31
C TRP A 129 -15.69 -0.67 0.62
N ASN A 130 -14.93 0.18 -0.09
CA ASN A 130 -15.53 1.29 -0.84
C ASN A 130 -14.47 1.97 -1.70
N GLY A 131 -14.73 2.03 -3.00
CA GLY A 131 -13.87 2.76 -3.91
C GLY A 131 -12.57 2.10 -4.30
N LEU A 132 -11.59 2.92 -4.70
CA LEU A 132 -10.29 2.36 -5.15
C LEU A 132 -9.64 1.52 -4.05
N ARG A 133 -9.11 0.36 -4.40
CA ARG A 133 -8.46 -0.50 -3.39
C ARG A 133 -6.94 -0.39 -3.60
N VAL A 134 -6.27 0.14 -2.60
CA VAL A 134 -4.83 0.48 -2.75
C VAL A 134 -4.07 -0.56 -1.94
N ARG A 135 -3.06 -1.14 -2.64
CA ARG A 135 -2.12 -2.06 -1.94
C ARG A 135 -0.94 -1.27 -1.46
N VAL A 136 -0.42 -1.66 -0.29
CA VAL A 136 0.69 -0.90 0.32
C VAL A 136 1.73 -1.86 0.87
N GLY A 137 3.00 -1.48 0.66
CA GLY A 137 4.09 -2.27 1.29
C GLY A 137 4.99 -1.29 2.05
N ILE A 138 5.53 -1.77 3.17
CA ILE A 138 6.37 -0.95 4.03
C ILE A 138 7.60 -1.73 4.45
N HIS A 139 8.78 -1.12 4.27
CA HIS A 139 10.00 -1.82 4.77
C HIS A 139 10.88 -0.72 5.33
N THR A 140 11.80 -1.12 6.23
CA THR A 140 12.72 -0.16 6.88
C THR A 140 14.12 -0.71 6.74
N GLY A 141 15.03 0.13 6.28
CA GLY A 141 16.44 -0.34 6.17
C GLY A 141 17.36 0.78 5.75
N LEU A 142 18.68 0.49 5.79
CA LEU A 142 19.66 1.45 5.35
C LEU A 142 19.56 1.63 3.85
N CYS A 143 19.65 2.88 3.38
CA CYS A 143 19.54 3.17 1.97
C CYS A 143 20.74 3.93 1.47
N ASP A 144 20.91 3.85 0.17
CA ASP A 144 21.90 4.67 -0.57
C ASP A 144 21.05 5.90 -0.93
N ILE A 145 21.35 7.02 -0.28
CA ILE A 145 20.63 8.23 -0.40
C ILE A 145 21.36 9.20 -1.34
N ARG A 146 20.62 9.85 -2.26
CA ARG A 146 21.17 10.81 -3.23
C ARG A 146 20.30 12.02 -3.39
N HIS A 147 20.93 13.14 -3.75
CA HIS A 147 20.14 14.30 -3.94
C HIS A 147 20.19 14.64 -5.40
N ASP A 148 18.99 15.04 -5.85
CA ASP A 148 18.52 15.51 -7.17
C ASP A 148 18.22 14.78 -8.48
N GLU A 149 19.22 14.60 -9.32
CA GLU A 149 19.07 14.01 -10.67
C GLU A 149 18.89 15.27 -11.54
N VAL A 150 18.15 16.24 -10.99
CA VAL A 150 17.82 17.57 -11.55
C VAL A 150 16.61 18.13 -10.80
N THR A 151 15.86 17.22 -10.19
CA THR A 151 14.64 17.53 -9.44
C THR A 151 14.78 18.35 -8.16
N LYS A 152 16.01 18.42 -7.62
CA LYS A 152 16.34 19.11 -6.34
C LYS A 152 15.68 18.34 -5.17
N GLY A 153 15.40 17.07 -5.42
CA GLY A 153 14.79 16.25 -4.37
C GLY A 153 15.69 15.10 -4.00
N TYR A 154 15.29 14.35 -2.99
CA TYR A 154 16.05 13.19 -2.61
C TYR A 154 15.47 11.87 -3.10
N ASP A 155 16.33 10.93 -3.38
CA ASP A 155 15.95 9.59 -3.82
C ASP A 155 16.71 8.54 -3.07
N TYR A 156 16.21 7.31 -3.17
CA TYR A 156 16.73 6.20 -2.40
C TYR A 156 16.94 5.01 -3.24
N TYR A 157 18.10 4.38 -3.07
CA TYR A 157 18.51 3.25 -3.89
C TYR A 157 18.99 2.04 -3.15
N GLY A 158 18.99 0.92 -3.87
CA GLY A 158 19.49 -0.26 -3.25
C GLY A 158 18.50 -1.32 -2.83
N ARG A 159 18.99 -2.17 -1.97
CA ARG A 159 18.21 -3.26 -1.49
C ARG A 159 16.98 -2.84 -0.72
N THR A 160 17.04 -1.75 0.02
CA THR A 160 15.90 -1.29 0.85
C THR A 160 14.70 -0.87 -0.02
N PRO A 161 14.87 -0.01 -1.00
CA PRO A 161 13.67 0.30 -1.80
C PRO A 161 13.24 -0.91 -2.63
N ASN A 162 14.17 -1.75 -3.05
CA ASN A 162 13.82 -2.94 -3.82
C ASN A 162 12.92 -3.81 -2.97
N MET A 163 13.28 -4.04 -1.70
CA MET A 163 12.43 -4.91 -0.87
C MET A 163 11.09 -4.27 -0.58
N ALA A 164 11.07 -2.98 -0.30
CA ALA A 164 9.78 -2.32 -0.04
C ALA A 164 8.86 -2.45 -1.24
N ALA A 165 9.42 -2.25 -2.43
CA ALA A 165 8.54 -2.30 -3.58
C ALA A 165 8.11 -3.73 -3.89
N ARG A 166 8.97 -4.73 -3.73
CA ARG A 166 8.57 -6.12 -3.99
C ARG A 166 7.53 -6.54 -2.94
N THR A 167 7.67 -6.06 -1.69
CA THR A 167 6.70 -6.37 -0.65
C THR A 167 5.34 -5.83 -1.02
N GLU A 168 5.28 -4.56 -1.43
CA GLU A 168 3.98 -4.00 -1.88
C GLU A 168 3.38 -4.78 -3.02
N SER A 169 4.26 -5.27 -3.95
CA SER A 169 3.70 -5.91 -5.14
C SER A 169 2.91 -7.17 -4.88
N VAL A 170 3.16 -7.86 -3.76
CA VAL A 170 2.40 -9.06 -3.49
C VAL A 170 1.17 -8.79 -2.63
N ALA A 171 0.99 -7.56 -2.17
CA ALA A 171 -0.22 -7.28 -1.40
C ALA A 171 -1.47 -7.16 -2.23
N ASN A 172 -2.59 -7.50 -1.59
CA ASN A 172 -3.89 -7.33 -2.22
C ASN A 172 -4.34 -5.88 -2.07
N GLY A 173 -5.32 -5.51 -2.90
CA GLY A 173 -5.88 -4.19 -2.74
C GLY A 173 -6.56 -4.08 -1.39
N GLY A 174 -6.36 -2.94 -0.74
CA GLY A 174 -6.90 -2.84 0.60
C GLY A 174 -6.04 -3.39 1.75
N GLN A 175 -4.94 -4.04 1.40
CA GLN A 175 -4.06 -4.71 2.35
C GLN A 175 -2.74 -3.92 2.46
N VAL A 176 -2.23 -3.88 3.70
CA VAL A 176 -0.94 -3.24 3.99
C VAL A 176 -0.03 -4.30 4.57
N LEU A 177 1.10 -4.54 3.87
CA LEU A 177 2.12 -5.48 4.37
C LEU A 177 3.34 -4.73 4.84
N MET A 178 3.91 -5.23 5.92
N MET A 178 3.91 -5.23 5.92
CA MET A 178 5.15 -4.68 6.46
CA MET A 178 5.15 -4.68 6.46
C MET A 178 6.14 -5.83 6.58
C MET A 178 6.14 -5.83 6.58
N THR A 179 7.39 -5.59 6.28
CA THR A 179 8.37 -6.66 6.53
C THR A 179 8.62 -6.74 8.03
N HIS A 180 9.21 -7.83 8.45
CA HIS A 180 9.57 -7.90 9.86
C HIS A 180 10.53 -6.79 10.22
N ALA A 181 11.43 -6.38 9.34
CA ALA A 181 12.31 -5.29 9.63
C ALA A 181 11.62 -4.05 10.01
N ALA A 182 10.53 -3.72 9.25
CA ALA A 182 9.80 -2.54 9.61
C ALA A 182 9.09 -2.74 10.95
N TYR A 183 8.47 -3.88 11.17
CA TYR A 183 7.72 -4.15 12.41
C TYR A 183 8.65 -4.02 13.60
N MET A 184 9.88 -4.56 13.55
CA MET A 184 10.73 -4.47 14.71
C MET A 184 11.49 -3.14 14.77
N SER A 185 11.35 -2.24 13.77
CA SER A 185 11.91 -0.87 13.83
C SER A 185 11.06 0.00 14.72
N LEU A 186 9.81 -0.42 14.92
CA LEU A 186 8.92 0.32 15.78
C LEU A 186 9.32 0.05 17.21
N SER A 187 9.07 1.03 18.08
CA SER A 187 9.34 0.72 19.46
C SER A 187 8.31 -0.25 20.04
N ALA A 188 8.60 -0.85 21.19
CA ALA A 188 7.64 -1.73 21.85
C ALA A 188 6.30 -1.06 22.14
N GLU A 189 6.40 0.24 22.54
CA GLU A 189 5.19 0.98 22.86
C GLU A 189 4.40 1.24 21.56
N ASP A 190 5.12 1.52 20.47
CA ASP A 190 4.47 1.74 19.13
C ASP A 190 3.75 0.41 18.76
N ARG A 191 4.39 -0.75 18.95
CA ARG A 191 3.74 -1.98 18.57
C ARG A 191 2.46 -2.26 19.33
N LYS A 192 2.34 -1.77 20.57
CA LYS A 192 1.11 -1.98 21.30
C LYS A 192 -0.05 -1.22 20.72
N GLN A 193 0.25 -0.22 19.92
CA GLN A 193 -0.81 0.57 19.30
C GLN A 193 -1.26 0.09 17.97
N ILE A 194 -0.69 -0.99 17.44
CA ILE A 194 -1.13 -1.48 16.15
C ILE A 194 -1.52 -2.94 16.33
N ASP A 195 -2.20 -3.48 15.31
CA ASP A 195 -2.73 -4.78 15.23
C ASP A 195 -2.17 -5.44 13.96
N VAL A 196 -1.29 -6.41 14.10
CA VAL A 196 -0.74 -7.15 12.94
C VAL A 196 -1.10 -8.65 12.95
N THR A 197 -1.09 -9.24 11.77
CA THR A 197 -1.29 -10.67 11.61
C THR A 197 -0.07 -11.21 10.86
N ALA A 198 0.65 -12.17 11.46
CA ALA A 198 1.78 -12.76 10.76
C ALA A 198 1.34 -13.56 9.56
N LEU A 199 2.05 -13.39 8.45
CA LEU A 199 1.75 -14.13 7.28
C LEU A 199 2.92 -15.11 6.97
N GLY A 200 3.88 -15.30 7.87
CA GLY A 200 4.99 -16.26 7.64
C GLY A 200 6.21 -15.71 6.90
N ASP A 201 6.62 -16.37 5.82
CA ASP A 201 7.71 -15.87 4.92
C ASP A 201 7.33 -16.10 3.49
N VAL A 202 7.69 -15.14 2.65
CA VAL A 202 7.36 -15.12 1.25
C VAL A 202 8.62 -14.99 0.41
N ALA A 203 8.80 -15.91 -0.56
CA ALA A 203 9.91 -15.78 -1.47
C ALA A 203 9.53 -14.70 -2.47
N LEU A 204 10.38 -13.69 -2.59
CA LEU A 204 10.20 -12.54 -3.49
C LEU A 204 11.24 -12.63 -4.61
N ARG A 205 10.78 -12.38 -5.83
CA ARG A 205 11.68 -12.40 -6.98
C ARG A 205 12.78 -11.35 -6.82
N GLY A 206 14.02 -11.75 -7.09
CA GLY A 206 15.10 -10.80 -6.97
C GLY A 206 15.76 -10.75 -5.62
N VAL A 207 14.99 -11.06 -4.58
CA VAL A 207 15.48 -11.02 -3.20
C VAL A 207 15.94 -12.43 -2.83
N SER A 208 17.18 -12.55 -2.37
CA SER A 208 17.80 -13.82 -2.03
C SER A 208 17.05 -14.74 -1.03
N ASP A 209 16.75 -14.17 0.12
CA ASP A 209 16.11 -14.92 1.19
C ASP A 209 14.62 -14.58 1.37
N PRO A 210 13.79 -15.54 1.73
CA PRO A 210 12.36 -15.27 1.91
C PRO A 210 12.19 -14.24 3.01
N VAL A 211 11.12 -13.45 2.84
CA VAL A 211 10.86 -12.33 3.72
C VAL A 211 9.63 -12.61 4.58
N LYS A 212 9.78 -12.42 5.90
CA LYS A 212 8.68 -12.65 6.83
C LYS A 212 7.79 -11.37 6.74
N MET A 213 6.53 -11.57 6.39
CA MET A 213 5.55 -10.51 6.17
C MET A 213 4.56 -10.40 7.28
N TYR A 214 4.15 -9.18 7.60
CA TYR A 214 3.13 -8.93 8.56
C TYR A 214 2.04 -8.09 7.91
N GLN A 215 0.81 -8.48 8.14
CA GLN A 215 -0.34 -7.72 7.63
C GLN A 215 -0.70 -6.73 8.71
N LEU A 216 -0.74 -5.45 8.32
CA LEU A 216 -1.23 -4.42 9.28
C LEU A 216 -2.69 -4.37 9.19
N ASN A 217 -3.40 -4.57 10.30
CA ASN A 217 -4.85 -4.60 10.23
C ASN A 217 -5.26 -3.14 10.43
N THR A 218 -5.99 -2.59 9.47
CA THR A 218 -6.37 -1.16 9.40
C THR A 218 -7.90 -1.10 9.59
N VAL A 219 -8.61 -1.32 8.49
CA VAL A 219 -10.10 -1.43 8.54
C VAL A 219 -10.39 -2.73 9.29
N PRO A 220 -11.07 -2.60 10.41
CA PRO A 220 -11.35 -3.82 11.18
C PRO A 220 -12.23 -4.90 10.44
N SER A 221 -11.88 -6.17 10.55
CA SER A 221 -12.53 -7.34 9.93
C SER A 221 -12.38 -7.50 8.39
N ARG A 222 -11.54 -6.66 7.81
CA ARG A 222 -11.29 -6.83 6.43
C ARG A 222 -10.35 -8.04 6.26
N ASN A 223 -10.72 -8.97 5.37
CA ASN A 223 -9.95 -10.15 5.04
C ASN A 223 -9.59 -10.22 3.56
N PHE A 224 -8.58 -11.04 3.25
CA PHE A 224 -8.02 -11.06 1.93
C PHE A 224 -7.75 -12.47 1.44
N ALA A 225 -7.61 -12.52 0.15
CA ALA A 225 -7.18 -13.76 -0.50
C ALA A 225 -5.67 -13.96 -0.24
N ALA A 226 -5.11 -15.00 -0.83
CA ALA A 226 -3.71 -15.23 -0.72
C ALA A 226 -2.94 -14.07 -1.33
N LEU A 227 -1.67 -13.99 -0.93
CA LEU A 227 -0.77 -12.96 -1.48
C LEU A 227 -0.63 -13.17 -3.00
N ARG A 228 -0.39 -12.08 -3.73
CA ARG A 228 -0.30 -12.17 -5.18
C ARG A 228 1.16 -12.42 -5.56
N LEU A 229 1.57 -13.67 -5.50
CA LEU A 229 2.95 -14.00 -5.82
C LEU A 229 3.26 -13.69 -7.29
N ASP A 230 2.21 -13.69 -8.11
CA ASP A 230 2.29 -13.29 -9.52
C ASP A 230 2.21 -11.74 -9.37
N ARG A 231 3.28 -11.04 -9.74
CA ARG A 231 3.39 -9.57 -9.52
C ARG A 231 3.23 -8.47 -10.59
N GLU A 232 4.08 -7.45 -10.38
CA GLU A 232 4.30 -6.18 -11.10
C GLU A 232 5.11 -5.55 -9.97
N TYR A 233 6.17 -4.80 -10.22
CA TYR A 233 6.86 -4.13 -9.09
C TYR A 233 7.39 -2.81 -9.64
N PHE A 234 7.40 -1.76 -8.80
CA PHE A 234 7.79 -0.39 -9.18
C PHE A 234 8.57 -0.03 -10.47
N ASP A 235 9.89 -0.14 -10.48
CA ASP A 235 10.66 0.18 -11.70
C ASP A 235 12.10 -0.32 -11.67
#